data_1OSH
#
_entry.id   1OSH
#
_cell.length_a   36.656
_cell.length_b   56.776
_cell.length_c   117.646
_cell.angle_alpha   90.00
_cell.angle_beta   90.00
_cell.angle_gamma   90.00
#
_symmetry.space_group_name_H-M   'P 21 21 21'
#
loop_
_entity.id
_entity.type
_entity.pdbx_description
1 polymer 'Bile acid receptor'
2 non-polymer "METHYL 3-{3-[(CYCLOHEXYLCARBONYL){[4'-(DIMETHYLAMINO)BIPHENYL-4-YL]METHYL}AMINO]PHENYL}ACRYLATE"
3 water water
#
_entity_poly.entity_id   1
_entity_poly.type   'polypeptide(L)'
_entity_poly.pdbx_seq_one_letter_code
;SHGELTPDQQTLLHFIMDSYNKQRMPQEITNKILKEEFSAEENFLILTEMATNHVQVLVEFTKKLPGFQTLDHEDQIALL
KGSAVEAMFLRSAEIFNKKLPSGHSDLLEERIRNSGISDEYITPMFSFYKSIGELKMTQEEYALLTAIVILSPDRQYIKD
REAVEKLQEPLLDVLQKLCKIHQPENPQHFACLLGRLTELRTFNHHHAEMLMSWRVNDHKFTPLLCEIWDVQ
;
_entity_poly.pdbx_strand_id   A
#
# COMPACT_ATOMS: atom_id res chain seq x y z
N SER A 1 -2.13 -21.45 11.08
CA SER A 1 -2.69 -21.98 12.33
C SER A 1 -4.06 -21.41 12.78
N HIS A 2 -4.62 -20.42 12.07
CA HIS A 2 -5.99 -20.00 12.41
C HIS A 2 -6.85 -21.20 11.96
N GLY A 3 -7.54 -21.88 12.87
CA GLY A 3 -8.38 -23.00 12.46
C GLY A 3 -9.60 -22.66 11.59
N GLU A 4 -9.90 -21.39 11.41
CA GLU A 4 -11.06 -21.04 10.56
C GLU A 4 -10.65 -21.05 9.08
N LEU A 5 -9.35 -20.98 8.81
CA LEU A 5 -8.89 -20.94 7.42
C LEU A 5 -8.72 -22.39 6.95
N THR A 6 -8.97 -22.66 5.68
CA THR A 6 -8.73 -24.01 5.14
C THR A 6 -7.18 -24.18 5.08
N PRO A 7 -6.72 -25.42 4.84
CA PRO A 7 -5.28 -25.64 4.73
C PRO A 7 -4.68 -24.80 3.63
N ASP A 8 -5.39 -24.65 2.49
CA ASP A 8 -4.87 -23.87 1.40
C ASP A 8 -4.67 -22.38 1.85
N GLN A 9 -5.65 -21.85 2.57
CA GLN A 9 -5.64 -20.47 3.04
C GLN A 9 -4.55 -20.22 4.07
N GLN A 10 -4.34 -21.25 4.92
CA GLN A 10 -3.29 -21.17 5.90
C GLN A 10 -1.97 -21.00 5.20
N THR A 11 -1.73 -21.73 4.10
CA THR A 11 -0.40 -21.55 3.49
C THR A 11 -0.27 -20.24 2.75
N LEU A 12 -1.39 -19.81 2.17
CA LEU A 12 -1.42 -18.55 1.46
C LEU A 12 -1.04 -17.42 2.46
N LEU A 13 -1.70 -17.43 3.59
CA LEU A 13 -1.45 -16.40 4.63
C LEU A 13 -0.04 -16.52 5.14
N HIS A 14 0.41 -17.74 5.39
CA HIS A 14 1.77 -17.92 5.90
C HIS A 14 2.81 -17.30 4.95
N PHE A 15 2.72 -17.60 3.65
CA PHE A 15 3.71 -17.05 2.75
C PHE A 15 3.57 -15.52 2.69
N ILE A 16 2.33 -15.06 2.74
CA ILE A 16 2.19 -13.61 2.68
C ILE A 16 2.87 -12.95 3.90
N MET A 17 2.65 -13.49 5.07
CA MET A 17 3.24 -12.88 6.28
C MET A 17 4.74 -13.05 6.31
N ASP A 18 5.25 -14.17 5.82
CA ASP A 18 6.70 -14.38 5.82
C ASP A 18 7.36 -13.24 5.01
N SER A 19 6.77 -12.91 3.86
CA SER A 19 7.30 -11.83 3.07
C SER A 19 7.05 -10.45 3.71
N TYR A 20 5.83 -10.20 4.15
CA TYR A 20 5.48 -8.90 4.72
C TYR A 20 6.30 -8.58 5.98
N ASN A 21 6.51 -9.59 6.84
CA ASN A 21 7.27 -9.44 8.08
C ASN A 21 8.64 -8.80 7.85
N LYS A 22 9.14 -8.87 6.61
CA LYS A 22 10.39 -8.21 6.23
C LYS A 22 10.05 -6.83 5.64
N GLN A 23 9.89 -5.82 6.49
CA GLN A 23 9.58 -4.48 5.98
C GLN A 23 10.26 -3.50 6.93
N ARG A 24 10.68 -2.35 6.40
CA ARG A 24 11.58 -1.44 7.11
C ARG A 24 11.57 0.06 6.88
N MET A 25 12.11 0.75 7.89
CA MET A 25 12.37 2.20 7.92
C MET A 25 13.58 2.29 8.87
N PRO A 26 13.82 3.46 9.49
CA PRO A 26 14.86 3.80 10.47
C PRO A 26 14.32 4.88 11.40
N GLU A 42 18.94 18.51 -0.03
CA GLU A 42 18.65 17.95 1.27
C GLU A 42 17.21 17.50 1.47
N ASN A 43 16.27 18.42 1.36
CA ASN A 43 14.87 18.00 1.55
C ASN A 43 14.43 16.97 0.53
N PHE A 44 14.69 17.32 -0.72
CA PHE A 44 14.35 16.44 -1.85
C PHE A 44 15.07 15.09 -1.73
N LEU A 45 16.28 15.12 -1.19
CA LEU A 45 17.07 13.91 -1.02
C LEU A 45 16.42 13.11 0.14
N ILE A 46 15.95 13.79 1.18
CA ILE A 46 15.29 13.05 2.26
C ILE A 46 14.01 12.35 1.73
N LEU A 47 13.18 13.12 1.03
CA LEU A 47 11.96 12.61 0.39
C LEU A 47 12.29 11.44 -0.54
N THR A 48 13.34 11.61 -1.35
CA THR A 48 13.76 10.57 -2.30
C THR A 48 14.13 9.26 -1.61
N GLU A 49 14.86 9.40 -0.50
CA GLU A 49 15.29 8.24 0.24
C GLU A 49 14.08 7.52 0.74
N MET A 50 13.13 8.28 1.31
CA MET A 50 11.91 7.67 1.79
C MET A 50 11.13 6.94 0.69
N ALA A 51 10.90 7.59 -0.46
CA ALA A 51 10.18 6.94 -1.59
C ALA A 51 10.91 5.68 -2.06
N THR A 52 12.25 5.77 -2.12
CA THR A 52 13.06 4.65 -2.56
C THR A 52 12.83 3.46 -1.65
N ASN A 53 12.82 3.68 -0.35
CA ASN A 53 12.56 2.59 0.60
C ASN A 53 11.16 1.98 0.25
N HIS A 54 10.17 2.86 0.03
CA HIS A 54 8.83 2.37 -0.28
C HIS A 54 8.78 1.57 -1.54
N VAL A 55 9.46 2.00 -2.58
CA VAL A 55 9.43 1.24 -3.82
C VAL A 55 10.20 -0.05 -3.69
N GLN A 56 11.34 -0.06 -3.00
CA GLN A 56 12.07 -1.34 -2.86
C GLN A 56 11.20 -2.38 -2.10
N VAL A 57 10.57 -1.99 -0.99
CA VAL A 57 9.77 -2.96 -0.29
C VAL A 57 8.53 -3.38 -1.14
N LEU A 58 7.98 -2.45 -1.94
CA LEU A 58 6.86 -2.81 -2.83
C LEU A 58 7.32 -3.95 -3.82
N VAL A 59 8.45 -3.74 -4.49
CA VAL A 59 8.93 -4.74 -5.42
C VAL A 59 9.17 -6.03 -4.69
N GLU A 60 9.84 -5.97 -3.53
CA GLU A 60 10.11 -7.22 -2.83
C GLU A 60 8.85 -8.02 -2.39
N PHE A 61 7.84 -7.31 -1.92
CA PHE A 61 6.64 -7.97 -1.47
C PHE A 61 5.88 -8.50 -2.70
N THR A 62 5.75 -7.65 -3.70
CA THR A 62 5.04 -8.02 -4.95
C THR A 62 5.56 -9.29 -5.61
N LYS A 63 6.89 -9.47 -5.67
CA LYS A 63 7.44 -10.64 -6.32
C LYS A 63 7.11 -11.95 -5.62
N LYS A 64 6.82 -11.87 -4.32
CA LYS A 64 6.49 -13.06 -3.54
C LYS A 64 4.98 -13.32 -3.42
N LEU A 65 4.13 -12.46 -4.01
CA LEU A 65 2.71 -12.75 -3.95
C LEU A 65 2.35 -14.07 -4.58
N PRO A 66 1.50 -14.84 -3.91
CA PRO A 66 1.11 -16.16 -4.46
C PRO A 66 0.50 -16.02 -5.85
N GLY A 67 1.07 -16.76 -6.81
CA GLY A 67 0.58 -16.68 -8.19
C GLY A 67 1.21 -15.58 -9.04
N PHE A 68 1.95 -14.65 -8.42
CA PHE A 68 2.48 -13.52 -9.24
C PHE A 68 3.45 -13.96 -10.36
N GLN A 69 4.19 -15.04 -10.10
CA GLN A 69 5.12 -15.49 -11.12
C GLN A 69 4.40 -16.15 -12.31
N THR A 70 3.11 -16.44 -12.19
CA THR A 70 2.41 -17.01 -13.37
C THR A 70 1.81 -15.96 -14.37
N LEU A 71 1.86 -14.66 -14.02
CA LEU A 71 1.31 -13.61 -14.87
C LEU A 71 2.17 -13.15 -16.05
N ASP A 72 1.52 -12.70 -17.11
CA ASP A 72 2.15 -12.12 -18.31
C ASP A 72 3.13 -11.03 -17.76
N HIS A 73 4.35 -10.93 -18.33
CA HIS A 73 5.36 -9.95 -17.81
C HIS A 73 4.97 -8.49 -17.96
N GLU A 74 4.37 -8.12 -19.07
CA GLU A 74 3.92 -6.73 -19.15
C GLU A 74 2.86 -6.46 -18.08
N ASP A 75 1.95 -7.42 -17.84
CA ASP A 75 0.90 -7.15 -16.85
C ASP A 75 1.52 -7.04 -15.46
N GLN A 76 2.59 -7.84 -15.20
CA GLN A 76 3.23 -7.75 -13.88
C GLN A 76 3.71 -6.31 -13.64
N ILE A 77 4.37 -5.73 -14.64
CA ILE A 77 4.87 -4.39 -14.45
C ILE A 77 3.70 -3.41 -14.32
N ALA A 78 2.64 -3.62 -15.09
CA ALA A 78 1.50 -2.72 -14.97
C ALA A 78 0.86 -2.74 -13.55
N LEU A 79 0.87 -3.89 -12.87
CA LEU A 79 0.28 -4.00 -11.56
C LEU A 79 1.21 -3.27 -10.58
N LEU A 80 2.52 -3.49 -10.74
CA LEU A 80 3.53 -2.89 -9.88
C LEU A 80 3.42 -1.37 -9.94
N LYS A 81 3.46 -0.80 -11.14
CA LYS A 81 3.37 0.66 -11.24
C LYS A 81 1.96 1.21 -10.81
N GLY A 82 0.91 0.49 -11.23
CA GLY A 82 -0.45 0.86 -10.93
C GLY A 82 -0.68 0.91 -9.40
N SER A 83 0.07 0.11 -8.62
CA SER A 83 -0.16 0.05 -7.18
C SER A 83 0.82 0.87 -6.30
N ALA A 84 1.91 1.38 -6.87
CA ALA A 84 2.95 2.07 -6.10
C ALA A 84 2.52 3.18 -5.13
N VAL A 85 1.68 4.14 -5.56
CA VAL A 85 1.24 5.22 -4.69
C VAL A 85 0.30 4.69 -3.61
N GLU A 86 -0.68 3.85 -3.98
CA GLU A 86 -1.57 3.33 -2.95
C GLU A 86 -0.83 2.46 -1.90
N ALA A 87 0.11 1.62 -2.32
CA ALA A 87 0.88 0.75 -1.39
C ALA A 87 1.68 1.63 -0.44
N MET A 88 2.25 2.68 -0.98
CA MET A 88 3.01 3.60 -0.16
C MET A 88 2.16 4.27 0.93
N PHE A 89 0.93 4.68 0.58
CA PHE A 89 0.07 5.26 1.57
C PHE A 89 -0.44 4.27 2.57
N LEU A 90 -0.72 3.06 2.13
CA LEU A 90 -1.19 2.06 3.04
C LEU A 90 -0.06 1.69 4.05
N ARG A 91 1.14 1.52 3.52
CA ARG A 91 2.26 1.18 4.40
C ARG A 91 2.61 2.31 5.43
N SER A 92 2.59 3.57 4.97
CA SER A 92 2.84 4.76 5.80
C SER A 92 1.72 4.77 6.85
N ALA A 93 0.51 4.40 6.43
CA ALA A 93 -0.60 4.40 7.37
C ALA A 93 -0.35 3.41 8.49
N GLU A 94 0.14 2.23 8.14
CA GLU A 94 0.41 1.21 9.14
C GLU A 94 1.54 1.69 10.05
N ILE A 95 2.58 2.30 9.46
CA ILE A 95 3.66 2.79 10.30
C ILE A 95 3.18 3.90 11.29
N PHE A 96 2.37 4.85 10.84
CA PHE A 96 1.88 5.88 11.74
C PHE A 96 1.01 5.39 12.88
N ASN A 97 0.18 4.39 12.61
CA ASN A 97 -0.71 3.85 13.63
C ASN A 97 -0.09 2.81 14.56
N LYS A 98 0.74 1.92 14.01
CA LYS A 98 1.32 0.82 14.80
C LYS A 98 2.78 0.89 15.23
N LYS A 99 3.57 1.70 14.55
CA LYS A 99 4.99 1.75 14.87
C LYS A 99 5.50 3.07 15.47
N LEU A 100 4.98 4.24 15.05
CA LEU A 100 5.49 5.52 15.59
C LEU A 100 4.73 6.18 16.71
N PRO A 101 5.43 6.70 17.76
CA PRO A 101 4.81 7.40 18.91
C PRO A 101 4.04 8.56 18.28
N SER A 102 2.86 8.88 18.81
CA SER A 102 2.13 10.03 18.26
C SER A 102 3.05 11.24 18.33
N GLY A 103 3.88 11.27 19.37
CA GLY A 103 4.82 12.38 19.48
C GLY A 103 5.71 12.51 18.25
N HIS A 104 6.07 11.42 17.59
CA HIS A 104 6.93 11.56 16.44
C HIS A 104 6.17 11.89 15.19
N SER A 105 4.85 11.74 15.26
CA SER A 105 4.02 12.04 14.12
C SER A 105 3.73 13.50 13.96
N ASP A 106 3.48 14.20 15.07
CA ASP A 106 3.22 15.64 14.94
C ASP A 106 4.55 16.31 14.50
N LEU A 107 5.67 15.69 14.81
CA LEU A 107 6.98 16.19 14.41
C LEU A 107 7.16 15.98 12.91
N LEU A 108 6.77 14.81 12.42
CA LEU A 108 6.91 14.54 11.00
C LEU A 108 5.96 15.41 10.15
N GLU A 109 4.77 15.71 10.68
CA GLU A 109 3.82 16.58 10.00
C GLU A 109 4.33 18.03 9.86
N GLU A 110 4.98 18.52 10.92
CA GLU A 110 5.50 19.89 10.90
C GLU A 110 6.64 19.88 9.89
N ARG A 111 7.42 18.80 9.87
CA ARG A 111 8.56 18.68 8.97
C ARG A 111 8.14 18.66 7.48
N ILE A 112 7.12 17.87 7.13
CA ILE A 112 6.71 17.82 5.75
C ILE A 112 6.00 19.13 5.35
N ARG A 113 5.30 19.79 6.28
CA ARG A 113 4.68 21.05 5.84
C ARG A 113 5.69 22.16 5.60
N ASN A 114 6.93 22.04 6.06
CA ASN A 114 7.90 23.07 5.67
C ASN A 114 8.95 22.38 4.76
N SER A 115 8.47 21.52 3.86
CA SER A 115 9.35 20.82 2.92
C SER A 115 9.07 21.37 1.53
N GLY A 116 8.04 22.20 1.42
CA GLY A 116 7.67 22.74 0.14
C GLY A 116 6.39 22.05 -0.36
N ILE A 117 6.19 20.81 0.07
CA ILE A 117 4.98 20.08 -0.32
C ILE A 117 3.81 20.84 0.21
N SER A 118 2.71 20.90 -0.49
CA SER A 118 1.64 21.69 0.08
C SER A 118 0.52 20.99 0.83
N ASP A 119 -0.35 21.86 1.35
CA ASP A 119 -1.57 21.43 1.97
C ASP A 119 -2.20 20.77 0.74
N GLU A 120 -3.49 20.51 0.69
CA GLU A 120 -3.95 19.79 -0.48
C GLU A 120 -3.26 18.39 -0.54
N TYR A 121 -1.93 18.24 -0.27
CA TYR A 121 -1.34 16.86 -0.24
C TYR A 121 -1.30 16.36 1.21
N ILE A 122 -0.70 17.17 2.07
CA ILE A 122 -0.52 16.82 3.48
C ILE A 122 -1.82 16.60 4.25
N THR A 123 -2.79 17.48 4.09
CA THR A 123 -4.04 17.28 4.81
C THR A 123 -4.80 16.00 4.49
N PRO A 124 -4.94 15.63 3.20
CA PRO A 124 -5.66 14.36 2.98
C PRO A 124 -4.79 13.23 3.52
N MET A 125 -3.46 13.40 3.40
CA MET A 125 -2.53 12.38 3.93
C MET A 125 -2.84 12.01 5.39
N PHE A 126 -2.78 13.03 6.27
CA PHE A 126 -3.02 12.75 7.69
C PHE A 126 -4.47 12.38 7.96
N SER A 127 -5.39 12.91 7.18
CA SER A 127 -6.76 12.53 7.41
C SER A 127 -6.90 11.01 7.18
N PHE A 128 -6.28 10.53 6.09
CA PHE A 128 -6.33 9.10 5.78
C PHE A 128 -5.67 8.25 6.90
N TYR A 129 -4.50 8.69 7.42
CA TYR A 129 -3.83 7.91 8.45
C TYR A 129 -4.78 7.74 9.67
N LYS A 130 -5.49 8.81 10.01
CA LYS A 130 -6.45 8.74 11.13
C LYS A 130 -7.59 7.84 10.74
N SER A 131 -8.09 8.04 9.51
CA SER A 131 -9.22 7.29 9.05
C SER A 131 -9.05 5.80 9.10
N ILE A 132 -7.93 5.32 8.59
CA ILE A 132 -7.71 3.90 8.57
C ILE A 132 -7.28 3.45 9.97
N GLY A 133 -6.68 4.34 10.75
CA GLY A 133 -6.32 4.03 12.13
C GLY A 133 -7.55 3.66 12.97
N GLU A 134 -8.70 4.25 12.62
CA GLU A 134 -9.99 3.91 13.30
C GLU A 134 -10.39 2.44 13.11
N LEU A 135 -9.89 1.81 12.07
CA LEU A 135 -10.28 0.43 11.88
C LEU A 135 -9.46 -0.57 12.77
N LYS A 136 -8.41 -0.09 13.37
CA LYS A 136 -7.55 -0.88 14.25
C LYS A 136 -7.16 -2.22 13.59
N MET A 137 -6.72 -2.15 12.34
CA MET A 137 -6.37 -3.39 11.65
C MET A 137 -5.14 -4.07 12.23
N THR A 138 -5.15 -5.41 12.19
CA THR A 138 -3.98 -6.19 12.64
C THR A 138 -2.97 -6.20 11.49
N GLN A 139 -1.75 -6.65 11.80
CA GLN A 139 -0.70 -6.76 10.77
C GLN A 139 -1.19 -7.71 9.65
N GLU A 140 -1.87 -8.79 10.03
CA GLU A 140 -2.35 -9.71 9.02
C GLU A 140 -3.34 -8.97 8.08
N GLU A 141 -4.21 -8.12 8.64
CA GLU A 141 -5.15 -7.39 7.79
C GLU A 141 -4.44 -6.42 6.84
N TYR A 142 -3.46 -5.67 7.36
CA TYR A 142 -2.73 -4.75 6.46
C TYR A 142 -2.03 -5.54 5.38
N ALA A 143 -1.43 -6.68 5.74
CA ALA A 143 -0.67 -7.45 4.73
C ALA A 143 -1.62 -7.94 3.58
N LEU A 144 -2.78 -8.48 3.95
CA LEU A 144 -3.72 -8.97 2.93
C LEU A 144 -4.30 -7.77 2.14
N LEU A 145 -4.62 -6.68 2.83
CA LEU A 145 -5.18 -5.54 2.09
C LEU A 145 -4.15 -5.01 1.06
N THR A 146 -2.88 -5.02 1.45
CA THR A 146 -1.83 -4.58 0.55
C THR A 146 -1.70 -5.52 -0.70
N ALA A 147 -1.71 -6.84 -0.47
CA ALA A 147 -1.67 -7.80 -1.52
C ALA A 147 -2.90 -7.59 -2.43
N ILE A 148 -4.06 -7.34 -1.84
CA ILE A 148 -5.30 -7.10 -2.68
C ILE A 148 -5.20 -5.86 -3.55
N VAL A 149 -4.61 -4.82 -2.97
CA VAL A 149 -4.39 -3.60 -3.72
C VAL A 149 -3.40 -3.86 -4.90
N ILE A 150 -2.32 -4.62 -4.65
CA ILE A 150 -1.35 -4.82 -5.76
C ILE A 150 -1.97 -5.73 -6.85
N LEU A 151 -2.69 -6.75 -6.45
CA LEU A 151 -3.35 -7.64 -7.42
C LEU A 151 -4.79 -7.14 -7.84
N SER A 152 -4.84 -5.87 -8.32
CA SER A 152 -6.09 -5.23 -8.76
C SER A 152 -6.29 -5.48 -10.25
N PRO A 153 -7.35 -6.22 -10.60
CA PRO A 153 -7.58 -6.52 -12.01
C PRO A 153 -8.01 -5.35 -12.85
N ASP A 154 -8.29 -4.22 -12.21
CA ASP A 154 -8.75 -3.05 -12.97
C ASP A 154 -7.69 -2.00 -13.29
N ARG A 155 -6.40 -2.32 -13.13
CA ARG A 155 -5.37 -1.32 -13.40
C ARG A 155 -5.31 -0.94 -14.85
N GLN A 156 -4.85 0.28 -15.14
CA GLN A 156 -4.73 0.64 -16.53
C GLN A 156 -3.70 -0.33 -17.16
N TYR A 157 -3.88 -0.58 -18.45
CA TYR A 157 -2.97 -1.39 -19.26
C TYR A 157 -2.90 -2.89 -19.04
N ILE A 158 -3.70 -3.44 -18.11
CA ILE A 158 -3.73 -4.90 -17.88
C ILE A 158 -4.35 -5.60 -19.12
N LYS A 159 -3.62 -6.53 -19.72
CA LYS A 159 -4.17 -7.26 -20.88
C LYS A 159 -5.04 -8.50 -20.48
N ASP A 160 -4.71 -9.19 -19.39
CA ASP A 160 -5.47 -10.34 -18.96
C ASP A 160 -6.02 -10.07 -17.54
N ARG A 161 -7.17 -9.37 -17.43
CA ARG A 161 -7.74 -9.06 -16.08
C ARG A 161 -8.27 -10.29 -15.38
N GLU A 162 -8.76 -11.27 -16.13
CA GLU A 162 -9.31 -12.40 -15.45
C GLU A 162 -8.21 -13.15 -14.69
N ALA A 163 -7.02 -13.26 -15.29
CA ALA A 163 -5.93 -13.95 -14.60
C ALA A 163 -5.66 -13.17 -13.28
N VAL A 164 -5.70 -11.83 -13.27
CA VAL A 164 -5.44 -11.12 -11.96
C VAL A 164 -6.58 -11.37 -10.97
N GLU A 165 -7.79 -11.29 -11.51
CA GLU A 165 -8.99 -11.51 -10.67
C GLU A 165 -8.88 -12.87 -9.97
N LYS A 166 -8.40 -13.86 -10.70
CA LYS A 166 -8.27 -15.21 -10.13
C LYS A 166 -7.27 -15.31 -8.97
N LEU A 167 -6.32 -14.39 -8.99
CA LEU A 167 -5.30 -14.33 -7.94
C LEU A 167 -5.82 -13.49 -6.79
N GLN A 168 -6.63 -12.49 -7.10
CA GLN A 168 -7.10 -11.57 -6.05
C GLN A 168 -8.27 -12.15 -5.21
N GLU A 169 -9.16 -12.86 -5.89
CA GLU A 169 -10.36 -13.38 -5.19
C GLU A 169 -10.02 -14.24 -3.95
N PRO A 170 -9.04 -15.15 -4.03
CA PRO A 170 -8.71 -15.96 -2.85
C PRO A 170 -8.18 -15.12 -1.68
N LEU A 171 -7.52 -14.00 -1.99
CA LEU A 171 -6.99 -13.13 -0.90
C LEU A 171 -8.14 -12.37 -0.27
N LEU A 172 -9.06 -11.91 -1.11
CA LEU A 172 -10.25 -11.25 -0.57
C LEU A 172 -10.99 -12.24 0.37
N ASP A 173 -11.08 -13.51 -0.03
CA ASP A 173 -11.72 -14.51 0.83
C ASP A 173 -10.94 -14.66 2.15
N VAL A 174 -9.60 -14.76 2.10
CA VAL A 174 -8.82 -14.84 3.33
C VAL A 174 -9.03 -13.59 4.19
N LEU A 175 -9.09 -12.40 3.55
CA LEU A 175 -9.28 -11.20 4.35
C LEU A 175 -10.63 -11.15 5.03
N GLN A 176 -11.66 -11.53 4.30
CA GLN A 176 -12.98 -11.53 4.94
C GLN A 176 -12.96 -12.47 6.18
N LYS A 177 -12.31 -13.63 6.08
CA LYS A 177 -12.20 -14.46 7.28
C LYS A 177 -11.37 -13.81 8.41
N LEU A 178 -10.28 -13.13 8.06
CA LEU A 178 -9.43 -12.48 9.06
C LEU A 178 -10.22 -11.44 9.81
N CYS A 179 -11.06 -10.72 9.09
CA CYS A 179 -11.89 -9.69 9.74
C CYS A 179 -12.82 -10.34 10.78
N LYS A 180 -13.34 -11.52 10.48
CA LYS A 180 -14.20 -12.16 11.47
C LYS A 180 -13.35 -12.75 12.62
N ILE A 181 -12.11 -13.20 12.34
CA ILE A 181 -11.21 -13.75 13.38
C ILE A 181 -10.78 -12.67 14.39
N HIS A 182 -10.36 -11.53 13.86
CA HIS A 182 -9.88 -10.47 14.70
C HIS A 182 -10.90 -9.46 15.28
N GLN A 183 -12.09 -9.37 14.69
CA GLN A 183 -13.09 -8.43 15.20
C GLN A 183 -14.47 -9.06 15.03
N PRO A 184 -14.67 -10.23 15.67
CA PRO A 184 -15.97 -10.91 15.58
C PRO A 184 -17.16 -10.07 15.97
N GLU A 185 -16.96 -9.05 16.81
CA GLU A 185 -18.07 -8.24 17.30
C GLU A 185 -18.53 -7.15 16.36
N ASN A 186 -17.76 -6.95 15.29
CA ASN A 186 -17.97 -5.92 14.29
C ASN A 186 -18.18 -6.59 12.92
N PRO A 187 -19.41 -7.06 12.62
CA PRO A 187 -19.73 -7.72 11.36
C PRO A 187 -19.57 -6.91 10.04
N GLN A 188 -19.48 -5.60 10.15
CA GLN A 188 -19.31 -4.78 8.97
C GLN A 188 -17.82 -4.45 8.82
N HIS A 189 -16.96 -5.00 9.68
CA HIS A 189 -15.55 -4.60 9.56
C HIS A 189 -14.94 -4.81 8.16
N PHE A 190 -15.24 -5.94 7.51
CA PHE A 190 -14.67 -6.22 6.19
C PHE A 190 -15.12 -5.18 5.18
N ALA A 191 -16.41 -4.85 5.23
CA ALA A 191 -16.95 -3.80 4.35
C ALA A 191 -16.25 -2.47 4.61
N CYS A 192 -15.93 -2.18 5.87
CA CYS A 192 -15.25 -0.91 6.19
C CYS A 192 -13.86 -0.87 5.57
N LEU A 193 -13.18 -2.02 5.53
CA LEU A 193 -11.86 -2.08 4.95
C LEU A 193 -11.97 -1.76 3.48
N LEU A 194 -12.88 -2.43 2.78
CA LEU A 194 -13.06 -2.17 1.37
C LEU A 194 -13.39 -0.69 1.12
N GLY A 195 -14.23 -0.13 1.99
CA GLY A 195 -14.61 1.27 1.89
C GLY A 195 -13.39 2.17 1.89
N ARG A 196 -12.47 1.92 2.80
CA ARG A 196 -11.25 2.71 2.88
C ARG A 196 -10.39 2.66 1.63
N LEU A 197 -10.58 1.61 0.82
CA LEU A 197 -9.83 1.47 -0.43
C LEU A 197 -10.17 2.61 -1.38
N THR A 198 -11.40 3.10 -1.30
CA THR A 198 -11.82 4.22 -2.11
C THR A 198 -11.01 5.48 -1.74
N GLU A 199 -10.90 5.73 -0.44
CA GLU A 199 -10.15 6.85 0.08
C GLU A 199 -8.67 6.70 -0.34
N LEU A 200 -8.20 5.47 -0.32
CA LEU A 200 -6.79 5.22 -0.70
C LEU A 200 -6.49 5.58 -2.17
N ARG A 201 -7.43 5.30 -3.05
CA ARG A 201 -7.19 5.59 -4.46
C ARG A 201 -7.14 7.07 -4.78
N THR A 202 -7.69 7.92 -3.93
CA THR A 202 -7.63 9.37 -4.21
C THR A 202 -6.15 9.82 -4.23
N PHE A 203 -5.27 9.11 -3.50
CA PHE A 203 -3.88 9.53 -3.51
C PHE A 203 -3.23 9.40 -4.87
N ASN A 204 -3.81 8.62 -5.78
CA ASN A 204 -3.22 8.58 -7.14
C ASN A 204 -3.25 10.03 -7.78
N HIS A 205 -4.32 10.77 -7.47
CA HIS A 205 -4.47 12.14 -7.94
C HIS A 205 -3.70 13.10 -7.10
N HIS A 206 -3.78 12.97 -5.76
CA HIS A 206 -3.03 13.90 -4.94
C HIS A 206 -1.52 13.81 -5.26
N HIS A 207 -1.03 12.59 -5.50
CA HIS A 207 0.41 12.44 -5.73
C HIS A 207 0.87 13.05 -7.09
N ALA A 208 0.09 12.82 -8.16
CA ALA A 208 0.41 13.35 -9.52
C ALA A 208 0.44 14.88 -9.42
N GLU A 209 -0.52 15.48 -8.69
CA GLU A 209 -0.59 16.94 -8.50
C GLU A 209 0.67 17.44 -7.76
N MET A 210 0.95 16.82 -6.62
CA MET A 210 2.09 17.15 -5.80
C MET A 210 3.42 17.05 -6.55
N LEU A 211 3.61 16.01 -7.33
CA LEU A 211 4.85 15.83 -8.06
C LEU A 211 5.13 16.91 -9.10
N MET A 212 4.06 17.48 -9.65
CA MET A 212 4.23 18.40 -10.76
C MET A 212 5.17 19.54 -10.50
N SER A 213 5.06 20.19 -9.34
CA SER A 213 5.92 21.30 -9.01
C SER A 213 7.39 20.88 -8.97
N TRP A 214 7.67 19.69 -8.38
CA TRP A 214 9.03 19.17 -8.34
C TRP A 214 9.52 18.87 -9.76
N ARG A 215 8.62 18.39 -10.62
CA ARG A 215 9.06 18.08 -11.97
C ARG A 215 9.41 19.34 -12.75
N VAL A 216 8.60 20.38 -12.61
CA VAL A 216 8.92 21.54 -13.44
C VAL A 216 10.05 22.41 -12.86
N ASN A 217 10.59 22.08 -11.67
CA ASN A 217 11.69 22.94 -11.13
C ASN A 217 12.88 22.10 -11.13
N ASP A 218 12.73 21.10 -11.93
CA ASP A 218 13.54 19.98 -11.91
C ASP A 218 14.79 19.69 -11.23
N HIS A 219 14.41 18.92 -10.24
CA HIS A 219 15.14 18.21 -9.25
C HIS A 219 15.32 16.95 -10.06
N LYS A 220 16.34 16.21 -9.73
CA LYS A 220 16.64 15.03 -10.47
C LYS A 220 16.09 13.80 -9.76
N PHE A 221 15.12 13.19 -10.40
CA PHE A 221 14.48 11.97 -9.91
C PHE A 221 15.39 10.81 -10.29
N THR A 222 15.61 9.90 -9.38
CA THR A 222 16.49 8.75 -9.65
C THR A 222 15.86 7.89 -10.76
N PRO A 223 16.67 7.03 -11.40
CA PRO A 223 16.18 6.13 -12.46
C PRO A 223 15.03 5.23 -11.94
N LEU A 224 15.12 4.79 -10.68
CA LEU A 224 14.06 3.97 -10.15
C LEU A 224 12.76 4.79 -9.97
N LEU A 225 12.82 6.02 -9.44
CA LEU A 225 11.57 6.78 -9.32
C LEU A 225 11.02 7.18 -10.71
N CYS A 226 11.87 7.49 -11.68
CA CYS A 226 11.35 7.84 -13.03
C CYS A 226 10.58 6.67 -13.59
N GLU A 227 11.13 5.47 -13.39
CA GLU A 227 10.50 4.32 -13.96
C GLU A 227 9.18 3.96 -13.20
N ILE A 228 9.17 4.03 -11.87
CA ILE A 228 7.95 3.59 -11.13
C ILE A 228 6.86 4.63 -11.12
N TRP A 229 7.24 5.89 -11.04
CA TRP A 229 6.27 7.02 -10.99
C TRP A 229 6.05 7.68 -12.36
N ASP A 230 6.77 7.17 -13.34
CA ASP A 230 6.68 7.67 -14.68
C ASP A 230 6.98 9.15 -14.83
N VAL A 231 8.10 9.59 -14.30
CA VAL A 231 8.51 10.95 -14.43
C VAL A 231 9.87 10.91 -15.14
#